data_5CXI
#
_entry.id   5CXI
#
_cell.length_a   49.777
_cell.length_b   67.264
_cell.length_c   124.234
_cell.angle_alpha   90.00
_cell.angle_beta   96.79
_cell.angle_gamma   90.00
#
_symmetry.space_group_name_H-M   'I 1 2 1'
#
loop_
_entity.id
_entity.type
_entity.pdbx_description
1 polymer 'HTH-type transcriptional repressor KstR'
2 non-polymer 3-oxo-23,24-bisnorchol-4-en-22-oyl-CoA
3 water water
#
_entity_poly.entity_id   1
_entity_poly.type   'polypeptide(L)'
_entity_poly.pdbx_seq_one_letter_code
;GAMEVAVLAESELGSEAQRERRKRILDATMAIASKGGYEAVQMRAVADRADVAVGTLYRYFPSKVHLLVSALGREFSRID
AKTDRSAVAGATPFQRLNFMVGKLNRAMQRNPLLTEAMTRAYVFADASAASEVDQVEKLIDSMFARAMANGEPTEDQYHI
ARVISDVWLSNLLAWLTRRASATDVSKRLDLAVRLLIGDQDSA
;
_entity_poly.pdbx_strand_id   A,B
#
loop_
_chem_comp.id
_chem_comp.type
_chem_comp.name
_chem_comp.formula
5TW non-polymer 3-oxo-23,24-bisnorchol-4-en-22-oyl-CoA 'C43 H66 N7 O18 P3 S'
#
# COMPACT_ATOMS: atom_id res chain seq x y z
N GLN A 18 13.13 16.14 -29.26
CA GLN A 18 13.29 15.93 -27.83
C GLN A 18 12.68 14.59 -27.41
N ARG A 19 12.12 13.87 -28.37
CA ARG A 19 11.57 12.54 -28.09
C ARG A 19 12.68 11.52 -27.89
N GLU A 20 13.69 11.56 -28.75
CA GLU A 20 14.82 10.64 -28.67
C GLU A 20 15.62 10.88 -27.39
N ARG A 21 15.68 12.14 -26.97
CA ARG A 21 16.32 12.49 -25.70
C ARG A 21 15.59 11.81 -24.55
N ARG A 22 14.26 11.91 -24.57
CA ARG A 22 13.42 11.27 -23.58
C ARG A 22 13.65 9.76 -23.57
N LYS A 23 13.72 9.17 -24.77
CA LYS A 23 13.95 7.74 -24.90
C LYS A 23 15.29 7.34 -24.29
N ARG A 24 16.32 8.15 -24.50
CA ARG A 24 17.64 7.84 -23.95
C ARG A 24 17.62 7.97 -22.44
N ILE A 25 16.93 8.98 -21.95
CA ILE A 25 16.85 9.22 -20.51
C ILE A 25 16.12 8.09 -19.78
N LEU A 26 15.01 7.63 -20.36
CA LEU A 26 14.25 6.54 -19.75
C LEU A 26 14.96 5.19 -19.93
N ASP A 27 15.68 5.05 -21.05
CA ASP A 27 16.48 3.86 -21.30
C ASP A 27 17.56 3.73 -20.23
N ALA A 28 18.27 4.83 -19.99
CA ALA A 28 19.31 4.86 -18.98
C ALA A 28 18.71 4.66 -17.59
N THR A 29 17.54 5.24 -17.35
CA THR A 29 16.86 5.07 -16.07
C THR A 29 16.59 3.60 -15.80
N MET A 30 15.99 2.92 -16.78
CA MET A 30 15.68 1.50 -16.66
C MET A 30 16.94 0.65 -16.50
N ALA A 31 17.97 0.95 -17.27
CA ALA A 31 19.21 0.18 -17.20
C ALA A 31 19.85 0.29 -15.81
N ILE A 32 19.99 1.53 -15.34
CA ILE A 32 20.64 1.78 -14.05
C ILE A 32 19.81 1.20 -12.91
N ALA A 33 18.50 1.41 -12.97
CA ALA A 33 17.59 0.88 -11.95
C ALA A 33 17.65 -0.65 -11.89
N SER A 34 17.74 -1.27 -13.06
CA SER A 34 17.82 -2.73 -13.13
C SER A 34 19.17 -3.21 -12.59
N LYS A 35 20.20 -2.40 -12.77
CA LYS A 35 21.55 -2.78 -12.35
C LYS A 35 21.76 -2.65 -10.85
N GLY A 36 21.30 -1.55 -10.26
CA GLY A 36 21.60 -1.27 -8.87
C GLY A 36 20.47 -0.85 -7.95
N GLY A 37 19.23 -0.99 -8.42
CA GLY A 37 18.09 -0.65 -7.60
C GLY A 37 17.87 0.84 -7.42
N TYR A 38 17.09 1.20 -6.40
CA TYR A 38 16.72 2.59 -6.16
C TYR A 38 17.94 3.48 -5.92
N GLU A 39 18.86 2.99 -5.10
CA GLU A 39 20.05 3.74 -4.73
C GLU A 39 20.88 4.20 -5.92
N ALA A 40 21.01 3.33 -6.91
CA ALA A 40 21.88 3.60 -8.07
C ALA A 40 21.29 4.65 -8.99
N VAL A 41 19.99 4.90 -8.88
CA VAL A 41 19.34 5.87 -9.75
C VAL A 41 19.66 7.29 -9.29
N GLN A 42 20.81 7.80 -9.72
CA GLN A 42 21.19 9.18 -9.44
C GLN A 42 20.96 10.03 -10.67
N MET A 43 20.51 11.27 -10.46
CA MET A 43 20.24 12.20 -11.54
C MET A 43 21.47 12.41 -12.43
N ARG A 44 22.61 12.66 -11.79
CA ARG A 44 23.86 12.88 -12.53
C ARG A 44 24.24 11.64 -13.33
N ALA A 45 24.11 10.47 -12.73
CA ALA A 45 24.46 9.21 -13.38
C ALA A 45 23.59 8.95 -14.60
N VAL A 46 22.28 9.14 -14.43
CA VAL A 46 21.34 8.95 -15.53
C VAL A 46 21.62 9.92 -16.66
N ALA A 47 21.81 11.20 -16.30
CA ALA A 47 22.09 12.23 -17.30
C ALA A 47 23.36 11.88 -18.07
N ASP A 48 24.36 11.39 -17.35
CA ASP A 48 25.63 10.99 -17.94
C ASP A 48 25.40 9.85 -18.94
N ARG A 49 24.76 8.79 -18.48
CA ARG A 49 24.58 7.59 -19.27
C ARG A 49 23.70 7.86 -20.50
N ALA A 50 22.81 8.84 -20.41
CA ALA A 50 21.87 9.14 -21.48
C ALA A 50 22.40 10.19 -22.46
N ASP A 51 23.59 10.71 -22.19
CA ASP A 51 24.22 11.73 -23.03
C ASP A 51 23.30 12.95 -23.21
N VAL A 52 22.79 13.47 -22.10
CA VAL A 52 22.06 14.73 -22.10
C VAL A 52 22.64 15.62 -21.03
N ALA A 53 22.48 16.93 -21.21
CA ALA A 53 22.87 17.88 -20.17
C ALA A 53 21.99 17.66 -18.95
N VAL A 54 22.55 17.88 -17.76
CA VAL A 54 21.82 17.65 -16.52
C VAL A 54 20.59 18.53 -16.44
N GLY A 55 20.75 19.79 -16.84
CA GLY A 55 19.65 20.74 -16.85
C GLY A 55 18.49 20.28 -17.71
N THR A 56 18.81 19.61 -18.81
CA THR A 56 17.81 19.03 -19.69
C THR A 56 17.01 17.96 -18.95
N LEU A 57 17.75 17.05 -18.31
CA LEU A 57 17.15 15.99 -17.50
C LEU A 57 16.21 16.55 -16.44
N TYR A 58 16.66 17.56 -15.72
CA TYR A 58 15.83 18.18 -14.69
C TYR A 58 14.63 18.88 -15.29
N ARG A 59 14.81 19.45 -16.48
CA ARG A 59 13.73 20.12 -17.18
C ARG A 59 12.62 19.14 -17.51
N TYR A 60 13.01 17.93 -17.88
CA TYR A 60 12.03 16.90 -18.23
C TYR A 60 11.60 16.12 -16.98
N PHE A 61 12.55 15.90 -16.08
CA PHE A 61 12.30 15.10 -14.88
C PHE A 61 12.96 15.72 -13.65
N PRO A 62 12.17 16.43 -12.83
CA PRO A 62 12.67 17.17 -11.67
C PRO A 62 13.23 16.31 -10.53
N SER A 63 12.92 15.01 -10.54
CA SER A 63 13.40 14.12 -9.49
C SER A 63 13.55 12.69 -10.01
N LYS A 64 14.22 11.85 -9.24
CA LYS A 64 14.39 10.46 -9.59
C LYS A 64 13.05 9.72 -9.51
N VAL A 65 12.14 10.24 -8.71
CA VAL A 65 10.78 9.70 -8.62
C VAL A 65 10.09 9.87 -9.95
N HIS A 66 10.16 11.08 -10.51
CA HIS A 66 9.55 11.36 -11.80
C HIS A 66 10.17 10.49 -12.88
N LEU A 67 11.49 10.35 -12.84
CA LEU A 67 12.22 9.47 -13.75
C LEU A 67 11.66 8.06 -13.73
N LEU A 68 11.67 7.46 -12.54
CA LEU A 68 11.29 6.06 -12.40
C LEU A 68 9.82 5.80 -12.72
N VAL A 69 8.94 6.67 -12.24
CA VAL A 69 7.52 6.52 -12.50
C VAL A 69 7.22 6.68 -13.99
N SER A 70 7.85 7.66 -14.62
CA SER A 70 7.71 7.87 -16.07
C SER A 70 8.18 6.63 -16.83
N ALA A 71 9.34 6.11 -16.44
CA ALA A 71 9.90 4.91 -17.07
C ALA A 71 8.95 3.72 -16.93
N LEU A 72 8.36 3.60 -15.74
CA LEU A 72 7.39 2.54 -15.48
C LEU A 72 6.22 2.68 -16.42
N GLY A 73 5.71 3.90 -16.56
CA GLY A 73 4.62 4.19 -17.48
C GLY A 73 4.94 3.79 -18.90
N ARG A 74 6.15 4.11 -19.34
CA ARG A 74 6.60 3.71 -20.67
C ARG A 74 6.62 2.20 -20.81
N GLU A 75 7.11 1.52 -19.78
CA GLU A 75 7.20 0.06 -19.78
C GLU A 75 5.81 -0.57 -19.90
N PHE A 76 4.85 -0.04 -19.16
CA PHE A 76 3.47 -0.51 -19.24
C PHE A 76 2.88 -0.26 -20.63
N SER A 77 3.13 0.94 -21.16
CA SER A 77 2.64 1.30 -22.49
C SER A 77 3.21 0.36 -23.55
N ARG A 78 4.43 -0.12 -23.32
CA ARG A 78 5.06 -1.06 -24.24
C ARG A 78 4.49 -2.47 -24.07
N ILE A 79 4.23 -2.86 -22.83
CA ILE A 79 3.67 -4.17 -22.54
C ILE A 79 2.27 -4.29 -23.15
N ASP A 80 1.53 -3.18 -23.13
CA ASP A 80 0.18 -3.17 -23.71
C ASP A 80 0.26 -3.28 -25.23
N ALA A 81 1.37 -2.84 -25.80
CA ALA A 81 1.56 -2.87 -27.25
C ALA A 81 2.26 -4.15 -27.69
N LYS A 82 2.67 -4.96 -26.73
CA LYS A 82 3.41 -6.19 -27.01
C LYS A 82 2.61 -7.15 -27.89
N THR A 83 1.32 -7.24 -27.64
CA THR A 83 0.44 -8.09 -28.43
C THR A 83 -0.86 -7.40 -28.79
N ASP A 84 -1.97 -7.96 -28.32
CA ASP A 84 -3.30 -7.45 -28.65
C ASP A 84 -4.35 -8.05 -27.72
N ARG A 85 -5.49 -7.38 -27.60
CA ARG A 85 -6.58 -7.84 -26.74
C ARG A 85 -7.04 -9.25 -27.11
N SER A 86 -6.90 -9.59 -28.39
CA SER A 86 -7.23 -10.93 -28.86
C SER A 86 -6.23 -11.96 -28.32
N ALA A 87 -4.99 -11.53 -28.17
CA ALA A 87 -3.93 -12.41 -27.66
C ALA A 87 -3.93 -12.39 -26.14
N ALA A 89 -5.61 -13.80 -22.90
CA ALA A 89 -6.39 -14.90 -23.45
C ALA A 89 -7.30 -15.51 -22.39
N GLY A 90 -8.22 -16.36 -22.82
CA GLY A 90 -9.18 -16.97 -21.92
C GLY A 90 -10.60 -16.65 -22.33
N ALA A 91 -11.51 -17.59 -22.09
CA ALA A 91 -12.90 -17.44 -22.50
C ALA A 91 -13.72 -16.63 -21.50
N THR A 92 -13.21 -16.52 -20.28
CA THR A 92 -13.91 -15.82 -19.20
C THR A 92 -13.08 -14.63 -18.69
N PRO A 93 -13.75 -13.62 -18.10
CA PRO A 93 -13.05 -12.48 -17.49
C PRO A 93 -12.03 -12.91 -16.45
N PHE A 94 -12.38 -13.89 -15.62
CA PHE A 94 -11.48 -14.43 -14.61
C PHE A 94 -10.20 -14.96 -15.25
N GLN A 95 -10.36 -15.71 -16.33
CA GLN A 95 -9.22 -16.28 -17.05
C GLN A 95 -8.32 -15.22 -17.66
N ARG A 96 -8.94 -14.22 -18.30
CA ARG A 96 -8.19 -13.17 -18.99
C ARG A 96 -7.42 -12.29 -18.00
N LEU A 97 -8.08 -11.92 -16.90
CA LEU A 97 -7.45 -11.12 -15.88
C LEU A 97 -6.33 -11.92 -15.21
N ASN A 98 -6.58 -13.20 -14.99
CA ASN A 98 -5.56 -14.11 -14.46
C ASN A 98 -4.34 -14.12 -15.37
N PHE A 99 -4.60 -14.10 -16.68
CA PHE A 99 -3.56 -14.07 -17.70
C PHE A 99 -2.70 -12.82 -17.54
N MET A 100 -3.34 -11.66 -17.56
CA MET A 100 -2.63 -10.38 -17.44
C MET A 100 -1.81 -10.29 -16.15
N VAL A 101 -2.48 -10.54 -15.03
CA VAL A 101 -1.86 -10.48 -13.71
C VAL A 101 -0.68 -11.46 -13.63
N GLY A 102 -0.86 -12.65 -14.19
CA GLY A 102 0.21 -13.64 -14.23
C GLY A 102 1.43 -13.17 -14.99
N LYS A 103 1.19 -12.58 -16.16
CA LYS A 103 2.28 -12.04 -16.97
C LYS A 103 3.08 -10.97 -16.21
N LEU A 104 2.35 -9.99 -15.66
CA LEU A 104 3.02 -8.93 -14.91
C LEU A 104 3.72 -9.48 -13.66
N ASN A 105 3.18 -10.56 -13.12
CA ASN A 105 3.71 -11.18 -11.92
C ASN A 105 5.06 -11.83 -12.22
N ARG A 106 5.12 -12.65 -13.26
CA ARG A 106 6.38 -13.30 -13.62
C ARG A 106 7.39 -12.24 -14.04
N ALA A 107 6.91 -11.17 -14.68
CA ALA A 107 7.77 -10.04 -15.02
C ALA A 107 8.41 -9.45 -13.76
N MET A 108 7.60 -9.30 -12.72
CA MET A 108 8.08 -8.82 -11.43
C MET A 108 9.13 -9.76 -10.84
N GLN A 109 8.84 -11.05 -10.87
CA GLN A 109 9.73 -12.06 -10.30
C GLN A 109 11.07 -12.14 -11.04
N ARG A 110 11.06 -11.78 -12.32
CA ARG A 110 12.28 -11.83 -13.12
C ARG A 110 13.20 -10.63 -12.89
N ASN A 111 12.67 -9.57 -12.28
CA ASN A 111 13.42 -8.33 -12.07
C ASN A 111 13.24 -7.75 -10.67
N PRO A 112 13.91 -8.34 -9.67
CA PRO A 112 13.76 -7.87 -8.29
C PRO A 112 14.31 -6.46 -8.06
N LEU A 113 15.45 -6.12 -8.66
CA LEU A 113 16.05 -4.81 -8.46
C LEU A 113 15.20 -3.70 -9.04
N LEU A 114 14.72 -3.90 -10.27
CA LEU A 114 13.82 -2.95 -10.91
C LEU A 114 12.56 -2.75 -10.08
N THR A 115 12.02 -3.86 -9.56
CA THR A 115 10.83 -3.83 -8.72
C THR A 115 11.10 -3.03 -7.45
N GLU A 116 12.29 -3.19 -6.89
CA GLU A 116 12.69 -2.44 -5.71
C GLU A 116 12.71 -0.94 -6.01
N ALA A 117 13.34 -0.59 -7.13
CA ALA A 117 13.46 0.80 -7.54
C ALA A 117 12.08 1.45 -7.73
N MET A 118 11.20 0.74 -8.44
CA MET A 118 9.86 1.23 -8.72
C MET A 118 9.00 1.35 -7.46
N THR A 119 9.07 0.33 -6.61
CA THR A 119 8.28 0.32 -5.39
C THR A 119 8.71 1.48 -4.49
N ARG A 120 10.02 1.67 -4.37
CA ARG A 120 10.55 2.78 -3.58
C ARG A 120 10.09 4.11 -4.17
N ALA A 121 10.16 4.21 -5.49
CA ALA A 121 9.71 5.41 -6.19
C ALA A 121 8.26 5.73 -5.86
N TYR A 122 7.41 4.70 -5.84
CA TYR A 122 6.01 4.88 -5.51
C TYR A 122 5.85 5.31 -4.05
N VAL A 123 6.69 4.76 -3.18
CA VAL A 123 6.68 5.14 -1.78
C VAL A 123 6.97 6.63 -1.60
N PHE A 124 7.88 7.17 -2.42
CA PHE A 124 8.25 8.58 -2.26
C PHE A 124 7.46 9.54 -3.15
N ALA A 125 6.63 9.00 -4.03
CA ALA A 125 5.85 9.86 -4.93
C ALA A 125 4.89 10.73 -4.13
N ASP A 126 4.93 12.04 -4.37
CA ASP A 126 4.02 12.97 -3.72
C ASP A 126 3.17 13.73 -4.75
N ALA A 127 2.61 14.86 -4.33
CA ALA A 127 1.75 15.65 -5.20
C ALA A 127 2.48 16.18 -6.42
N SER A 128 3.77 16.48 -6.25
CA SER A 128 4.58 17.05 -7.33
C SER A 128 4.72 16.08 -8.50
N ALA A 129 4.54 14.79 -8.22
CA ALA A 129 4.64 13.77 -9.25
C ALA A 129 3.27 13.23 -9.64
N ALA A 130 2.22 13.88 -9.12
CA ALA A 130 0.84 13.46 -9.33
C ALA A 130 0.59 12.99 -10.76
N SER A 131 0.77 13.92 -11.70
CA SER A 131 0.62 13.63 -13.12
C SER A 131 1.24 12.29 -13.49
N GLU A 132 2.54 12.17 -13.26
CA GLU A 132 3.28 10.97 -13.61
C GLU A 132 2.59 9.74 -13.02
N VAL A 133 2.33 9.78 -11.71
CA VAL A 133 1.75 8.64 -11.03
C VAL A 133 0.40 8.33 -11.64
N ASP A 134 -0.37 9.39 -11.92
CA ASP A 134 -1.68 9.23 -12.52
C ASP A 134 -1.55 8.45 -13.81
N GLN A 135 -0.57 8.84 -14.63
CA GLN A 135 -0.35 8.21 -15.92
C GLN A 135 -0.11 6.72 -15.73
N VAL A 136 0.63 6.35 -14.68
CA VAL A 136 0.84 4.95 -14.39
C VAL A 136 -0.49 4.32 -14.00
N GLU A 137 -1.18 4.95 -13.04
CA GLU A 137 -2.41 4.38 -12.50
C GLU A 137 -3.46 4.19 -13.58
N LYS A 138 -3.59 5.20 -14.44
CA LYS A 138 -4.53 5.12 -15.56
C LYS A 138 -4.16 3.97 -16.49
N LEU A 139 -2.87 3.79 -16.74
CA LEU A 139 -2.44 2.75 -17.67
C LEU A 139 -2.71 1.37 -17.12
N ILE A 140 -2.12 1.06 -15.97
CA ILE A 140 -2.18 -0.28 -15.41
C ILE A 140 -3.64 -0.71 -15.20
N ASP A 141 -4.45 0.16 -14.58
CA ASP A 141 -5.87 -0.12 -14.38
C ASP A 141 -6.53 -0.42 -15.71
N SER A 142 -6.26 0.42 -16.72
CA SER A 142 -6.83 0.20 -18.04
C SER A 142 -6.48 -1.20 -18.50
N MET A 143 -5.19 -1.54 -18.36
CA MET A 143 -4.70 -2.84 -18.77
C MET A 143 -5.47 -3.96 -18.10
N PHE A 144 -5.78 -3.79 -16.82
CA PHE A 144 -6.55 -4.80 -16.12
C PHE A 144 -7.98 -4.79 -16.65
N ALA A 145 -8.56 -3.59 -16.78
CA ALA A 145 -9.98 -3.47 -17.12
C ALA A 145 -10.27 -4.07 -18.48
N ARG A 146 -9.53 -3.63 -19.49
CA ARG A 146 -9.68 -4.15 -20.84
C ARG A 146 -9.41 -5.65 -20.87
N ALA A 147 -8.64 -6.14 -19.90
CA ALA A 147 -8.39 -7.58 -19.81
C ALA A 147 -9.68 -8.30 -19.44
N MET A 148 -10.40 -7.77 -18.46
CA MET A 148 -11.64 -8.36 -17.99
C MET A 148 -12.76 -8.27 -19.02
N ALA A 149 -12.80 -7.15 -19.73
CA ALA A 149 -13.92 -6.83 -20.59
C ALA A 149 -13.75 -7.35 -22.01
N ASN A 150 -14.89 -7.52 -22.69
CA ASN A 150 -14.91 -7.74 -24.12
C ASN A 150 -15.35 -6.43 -24.76
N GLY A 151 -14.40 -5.66 -25.24
CA GLY A 151 -14.68 -4.32 -25.71
C GLY A 151 -14.49 -3.30 -24.60
N GLU A 152 -15.26 -2.23 -24.64
CA GLU A 152 -15.12 -1.13 -23.68
C GLU A 152 -15.44 -1.59 -22.26
N PRO A 153 -14.49 -1.41 -21.33
CA PRO A 153 -14.67 -1.79 -19.93
C PRO A 153 -15.77 -1.01 -19.22
N THR A 154 -16.36 -1.60 -18.20
CA THR A 154 -17.37 -0.92 -17.39
C THR A 154 -16.69 -0.21 -16.23
N GLU A 155 -17.44 0.62 -15.51
CA GLU A 155 -16.90 1.33 -14.36
C GLU A 155 -16.42 0.35 -13.29
N ASP A 156 -17.25 -0.63 -12.98
CA ASP A 156 -16.94 -1.65 -11.99
C ASP A 156 -15.61 -2.35 -12.29
N GLN A 157 -15.34 -2.57 -13.57
CA GLN A 157 -14.10 -3.26 -13.97
C GLN A 157 -12.88 -2.38 -13.72
N TYR A 158 -13.03 -1.08 -13.96
CA TYR A 158 -11.98 -0.11 -13.60
C TYR A 158 -11.71 -0.15 -12.10
N HIS A 159 -12.79 -0.17 -11.32
CA HIS A 159 -12.70 -0.21 -9.86
C HIS A 159 -11.99 -1.47 -9.37
N ILE A 160 -12.35 -2.60 -9.98
CA ILE A 160 -11.72 -3.89 -9.68
C ILE A 160 -10.23 -3.80 -9.95
N ALA A 161 -9.89 -3.23 -11.11
CA ALA A 161 -8.51 -3.01 -11.48
C ALA A 161 -7.77 -2.24 -10.39
N ARG A 162 -8.40 -1.17 -9.89
CA ARG A 162 -7.80 -0.36 -8.84
C ARG A 162 -7.58 -1.17 -7.56
N VAL A 163 -8.53 -2.03 -7.21
CA VAL A 163 -8.38 -2.87 -6.03
C VAL A 163 -7.17 -3.80 -6.18
N ILE A 164 -7.06 -4.43 -7.34
CA ILE A 164 -5.93 -5.33 -7.59
C ILE A 164 -4.62 -4.57 -7.47
N SER A 165 -4.55 -3.39 -8.09
CA SER A 165 -3.37 -2.54 -7.99
C SER A 165 -3.02 -2.20 -6.53
N ASP A 166 -4.05 -1.98 -5.72
CA ASP A 166 -3.83 -1.66 -4.31
C ASP A 166 -3.29 -2.84 -3.52
N VAL A 167 -3.79 -4.04 -3.82
CA VAL A 167 -3.28 -5.25 -3.17
C VAL A 167 -1.81 -5.41 -3.54
N TRP A 168 -1.54 -5.26 -4.84
CA TRP A 168 -0.18 -5.38 -5.38
C TRP A 168 0.78 -4.46 -4.64
N LEU A 169 0.43 -3.17 -4.58
CA LEU A 169 1.30 -2.17 -3.98
C LEU A 169 1.48 -2.42 -2.50
N SER A 170 0.38 -2.73 -1.81
CA SER A 170 0.42 -2.92 -0.36
C SER A 170 1.30 -4.11 0.02
N ASN A 171 1.27 -5.16 -0.80
CA ASN A 171 2.10 -6.33 -0.50
C ASN A 171 3.55 -6.11 -0.96
N LEU A 172 3.74 -5.29 -1.99
CA LEU A 172 5.09 -4.89 -2.37
C LEU A 172 5.73 -4.05 -1.28
N LEU A 173 4.89 -3.36 -0.50
CA LEU A 173 5.35 -2.57 0.62
C LEU A 173 6.01 -3.47 1.66
N ALA A 174 5.41 -4.64 1.88
CA ALA A 174 5.95 -5.61 2.82
C ALA A 174 7.11 -6.38 2.20
N TRP A 175 7.11 -6.50 0.88
CA TRP A 175 8.23 -7.13 0.18
C TRP A 175 9.49 -6.29 0.27
N LEU A 176 9.31 -4.98 0.19
CA LEU A 176 10.40 -4.01 0.18
C LEU A 176 11.13 -3.99 1.52
N THR A 177 10.41 -4.23 2.60
CA THR A 177 10.99 -4.21 3.94
C THR A 177 11.28 -5.63 4.42
N ARG A 178 11.17 -6.59 3.50
CA ARG A 178 11.46 -7.99 3.77
C ARG A 178 10.56 -8.56 4.86
N ARG A 179 9.29 -8.18 4.83
CA ARG A 179 8.29 -8.77 5.70
C ARG A 179 7.49 -9.82 4.93
N ALA A 180 7.76 -9.91 3.63
CA ALA A 180 7.08 -10.85 2.76
C ALA A 180 7.91 -11.14 1.52
N SER A 181 7.72 -12.32 0.95
CA SER A 181 8.45 -12.72 -0.26
C SER A 181 7.63 -12.37 -1.51
N ALA A 182 8.22 -12.59 -2.68
CA ALA A 182 7.56 -12.31 -3.94
C ALA A 182 6.42 -13.28 -4.19
N THR A 183 6.61 -14.53 -3.74
CA THR A 183 5.60 -15.56 -3.93
C THR A 183 4.39 -15.28 -3.05
N ASP A 184 4.62 -14.69 -1.88
CA ASP A 184 3.53 -14.24 -1.03
C ASP A 184 2.69 -13.19 -1.74
N VAL A 185 3.38 -12.26 -2.40
CA VAL A 185 2.72 -11.22 -3.18
C VAL A 185 1.85 -11.87 -4.25
N SER A 186 2.44 -12.80 -4.98
CA SER A 186 1.76 -13.54 -6.04
C SER A 186 0.49 -14.23 -5.53
N LYS A 187 0.60 -14.90 -4.38
CA LYS A 187 -0.53 -15.59 -3.77
C LYS A 187 -1.64 -14.60 -3.41
N ARG A 188 -1.26 -13.46 -2.82
CA ARG A 188 -2.23 -12.42 -2.48
C ARG A 188 -2.94 -11.92 -3.73
N LEU A 189 -2.20 -11.76 -4.82
CA LEU A 189 -2.78 -11.30 -6.07
C LEU A 189 -3.80 -12.29 -6.61
N ASP A 190 -3.43 -13.56 -6.66
CA ASP A 190 -4.36 -14.59 -7.14
C ASP A 190 -5.63 -14.64 -6.29
N LEU A 191 -5.43 -14.62 -4.97
CA LEU A 191 -6.56 -14.58 -4.03
C LEU A 191 -7.48 -13.39 -4.31
N ALA A 192 -6.88 -12.22 -4.57
CA ALA A 192 -7.65 -11.01 -4.82
C ALA A 192 -8.48 -11.14 -6.10
N VAL A 193 -7.84 -11.61 -7.16
CA VAL A 193 -8.52 -11.80 -8.44
C VAL A 193 -9.71 -12.74 -8.28
N ARG A 194 -9.47 -13.87 -7.61
CA ARG A 194 -10.53 -14.85 -7.39
C ARG A 194 -11.67 -14.28 -6.53
N LEU A 195 -11.33 -13.51 -5.50
CA LEU A 195 -12.34 -12.94 -4.62
C LEU A 195 -13.18 -11.88 -5.35
N LEU A 196 -12.56 -11.17 -6.29
CA LEU A 196 -13.27 -10.10 -6.99
C LEU A 196 -14.14 -10.60 -8.15
N ILE A 197 -13.59 -11.48 -8.99
CA ILE A 197 -14.35 -11.94 -10.15
C ILE A 197 -14.28 -13.44 -10.38
N GLY A 198 -13.91 -14.19 -9.36
CA GLY A 198 -13.87 -15.64 -9.47
C GLY A 198 -15.22 -16.29 -9.20
N SER B 15 3.84 -8.01 37.84
CA SER B 15 2.70 -8.72 37.27
C SER B 15 1.51 -7.77 37.11
N GLU B 16 1.58 -6.63 37.78
CA GLU B 16 0.57 -5.59 37.66
C GLU B 16 1.25 -4.24 37.45
N ALA B 17 2.46 -4.12 37.98
CA ALA B 17 3.29 -2.95 37.73
C ALA B 17 3.69 -2.92 36.26
N GLN B 18 4.04 -4.09 35.73
CA GLN B 18 4.39 -4.22 34.33
C GLN B 18 3.21 -3.86 33.44
N ARG B 19 2.03 -4.35 33.80
CA ARG B 19 0.81 -4.09 33.04
C ARG B 19 0.45 -2.61 33.06
N GLU B 20 0.47 -2.02 34.24
CA GLU B 20 0.17 -0.59 34.39
C GLU B 20 1.15 0.23 33.56
N ARG B 21 2.43 -0.14 33.64
CA ARG B 21 3.47 0.51 32.86
C ARG B 21 3.17 0.46 31.37
N ARG B 22 2.88 -0.74 30.87
CA ARG B 22 2.54 -0.94 29.45
C ARG B 22 1.36 -0.06 29.05
N LYS B 23 0.33 -0.04 29.88
CA LYS B 23 -0.86 0.76 29.60
C LYS B 23 -0.54 2.24 29.50
N ARG B 24 0.24 2.77 30.45
CA ARG B 24 0.60 4.18 30.42
C ARG B 24 1.46 4.50 29.20
N ILE B 25 2.32 3.55 28.84
CA ILE B 25 3.19 3.71 27.67
C ILE B 25 2.36 3.84 26.40
N LEU B 26 1.40 2.95 26.22
CA LEU B 26 0.56 2.97 25.03
C LEU B 26 -0.40 4.16 25.02
N ASP B 27 -0.88 4.56 26.20
CA ASP B 27 -1.73 5.74 26.32
C ASP B 27 -0.97 6.98 25.86
N ALA B 28 0.26 7.10 26.36
CA ALA B 28 1.12 8.22 26.02
C ALA B 28 1.42 8.21 24.51
N THR B 29 1.68 7.03 23.97
CA THR B 29 1.95 6.90 22.54
C THR B 29 0.75 7.39 21.73
N MET B 30 -0.43 6.92 22.08
CA MET B 30 -1.66 7.33 21.40
C MET B 30 -1.87 8.85 21.47
N ALA B 31 -1.72 9.42 22.66
CA ALA B 31 -1.94 10.85 22.85
C ALA B 31 -0.94 11.70 22.06
N ILE B 32 0.34 11.38 22.20
CA ILE B 32 1.39 12.14 21.54
C ILE B 32 1.23 12.03 20.02
N ALA B 33 1.04 10.82 19.51
CA ALA B 33 0.83 10.61 18.08
C ALA B 33 -0.40 11.37 17.59
N SER B 34 -1.43 11.43 18.43
CA SER B 34 -2.67 12.12 18.09
C SER B 34 -2.46 13.64 18.00
N LYS B 35 -1.55 14.16 18.82
CA LYS B 35 -1.36 15.60 18.87
C LYS B 35 -0.28 16.12 17.92
N GLY B 36 0.72 15.30 17.63
CA GLY B 36 1.85 15.76 16.84
C GLY B 36 2.25 14.90 15.66
N GLY B 37 1.65 13.73 15.53
CA GLY B 37 1.96 12.86 14.41
C GLY B 37 3.20 12.01 14.61
N TYR B 38 3.72 11.44 13.53
CA TYR B 38 4.85 10.53 13.57
C TYR B 38 6.10 11.18 14.17
N GLU B 39 6.36 12.43 13.78
CA GLU B 39 7.54 13.15 14.24
C GLU B 39 7.58 13.29 15.76
N ALA B 40 6.42 13.54 16.36
CA ALA B 40 6.34 13.79 17.79
C ALA B 40 6.51 12.51 18.60
N VAL B 41 6.41 11.35 17.95
CA VAL B 41 6.56 10.08 18.64
C VAL B 41 8.04 9.77 18.85
N GLN B 42 8.58 10.25 19.96
CA GLN B 42 9.97 10.02 20.30
C GLN B 42 10.07 9.35 21.66
N MET B 43 11.08 8.50 21.83
CA MET B 43 11.18 7.63 23.00
C MET B 43 11.21 8.40 24.33
N ARG B 44 11.94 9.51 24.36
CA ARG B 44 12.05 10.30 25.58
C ARG B 44 10.74 10.97 25.94
N ALA B 45 10.03 11.45 24.92
CA ALA B 45 8.75 12.11 25.13
C ALA B 45 7.70 11.13 25.64
N VAL B 46 7.65 9.96 25.01
CA VAL B 46 6.74 8.90 25.41
C VAL B 46 7.03 8.44 26.83
N ALA B 47 8.31 8.21 27.11
CA ALA B 47 8.73 7.78 28.44
C ALA B 47 8.37 8.84 29.49
N ASP B 48 8.53 10.10 29.11
CA ASP B 48 8.23 11.22 29.99
C ASP B 48 6.75 11.28 30.34
N ARG B 49 5.90 11.28 29.31
CA ARG B 49 4.47 11.39 29.52
C ARG B 49 3.93 10.18 30.28
N ALA B 50 4.47 9.00 29.98
CA ALA B 50 3.96 7.76 30.57
C ALA B 50 4.50 7.51 31.99
N ASP B 51 5.40 8.39 32.44
CA ASP B 51 6.06 8.25 33.75
C ASP B 51 6.78 6.90 33.86
N VAL B 52 7.70 6.65 32.94
CA VAL B 52 8.55 5.48 33.00
C VAL B 52 9.97 5.91 32.64
N ALA B 53 10.96 5.09 33.01
CA ALA B 53 12.33 5.34 32.59
C ALA B 53 12.46 4.99 31.10
N VAL B 54 13.33 5.71 30.41
CA VAL B 54 13.50 5.49 28.97
C VAL B 54 14.04 4.10 28.72
N GLY B 55 14.90 3.63 29.63
CA GLY B 55 15.43 2.28 29.55
C GLY B 55 14.35 1.22 29.62
N THR B 56 13.40 1.41 30.54
CA THR B 56 12.26 0.51 30.66
C THR B 56 11.47 0.49 29.36
N LEU B 57 11.28 1.68 28.79
CA LEU B 57 10.55 1.82 27.53
C LEU B 57 11.25 1.09 26.39
N TYR B 58 12.58 1.17 26.36
CA TYR B 58 13.35 0.52 25.31
C TYR B 58 13.35 -1.00 25.50
N ARG B 59 13.25 -1.44 26.75
CA ARG B 59 13.11 -2.86 27.05
C ARG B 59 11.74 -3.35 26.59
N TYR B 60 10.74 -2.47 26.71
CA TYR B 60 9.38 -2.80 26.33
C TYR B 60 9.16 -2.70 24.82
N PHE B 61 9.48 -1.55 24.25
CA PHE B 61 9.29 -1.31 22.82
C PHE B 61 10.52 -0.67 22.20
N PRO B 62 11.27 -1.45 21.41
CA PRO B 62 12.58 -1.06 20.83
C PRO B 62 12.54 0.16 19.90
N SER B 63 11.38 0.50 19.36
CA SER B 63 11.29 1.62 18.43
C SER B 63 9.90 2.24 18.40
N LYS B 64 9.77 3.36 17.71
CA LYS B 64 8.49 4.05 17.61
C LYS B 64 7.51 3.25 16.76
N VAL B 65 8.05 2.41 15.87
CA VAL B 65 7.23 1.54 15.05
C VAL B 65 6.53 0.51 15.92
N HIS B 66 7.30 -0.11 16.82
CA HIS B 66 6.76 -1.08 17.77
C HIS B 66 5.71 -0.42 18.67
N LEU B 67 6.00 0.80 19.11
CA LEU B 67 5.08 1.57 19.94
C LEU B 67 3.75 1.80 19.22
N LEU B 68 3.83 2.33 18.01
CA LEU B 68 2.62 2.68 17.27
C LEU B 68 1.82 1.46 16.85
N VAL B 69 2.51 0.42 16.38
CA VAL B 69 1.86 -0.82 15.97
C VAL B 69 1.16 -1.47 17.17
N SER B 70 1.87 -1.56 18.30
CA SER B 70 1.30 -2.14 19.51
C SER B 70 0.11 -1.33 20.01
N ALA B 71 0.24 -0.01 19.98
CA ALA B 71 -0.83 0.88 20.42
C ALA B 71 -2.06 0.72 19.53
N LEU B 72 -1.83 0.53 18.23
CA LEU B 72 -2.93 0.31 17.29
C LEU B 72 -3.63 -1.01 17.61
N GLY B 73 -2.84 -2.04 17.84
CA GLY B 73 -3.38 -3.33 18.24
C GLY B 73 -4.28 -3.20 19.47
N ARG B 74 -3.78 -2.53 20.50
CA ARG B 74 -4.58 -2.33 21.70
C ARG B 74 -5.83 -1.53 21.39
N GLU B 75 -5.73 -0.61 20.43
CA GLU B 75 -6.88 0.18 20.00
C GLU B 75 -7.98 -0.69 19.44
N PHE B 76 -7.62 -1.59 18.53
CA PHE B 76 -8.61 -2.47 17.93
C PHE B 76 -9.15 -3.46 18.96
N SER B 77 -8.32 -3.84 19.93
CA SER B 77 -8.79 -4.69 21.02
C SER B 77 -9.87 -3.96 21.85
N ARG B 78 -9.58 -2.70 22.18
CA ARG B 78 -10.49 -1.88 22.97
C ARG B 78 -11.81 -1.61 22.25
N ILE B 79 -11.71 -1.22 20.99
CA ILE B 79 -12.90 -0.94 20.19
C ILE B 79 -13.70 -2.23 20.03
N ASP B 80 -12.98 -3.34 19.89
CA ASP B 80 -13.61 -4.65 19.81
C ASP B 80 -14.36 -4.98 21.09
N ALA B 81 -13.84 -4.50 22.22
CA ALA B 81 -14.48 -4.73 23.51
C ALA B 81 -15.79 -3.95 23.62
N LYS B 82 -15.71 -2.73 24.16
CA LYS B 82 -16.89 -1.89 24.35
C LYS B 82 -17.22 -1.13 23.06
N GLY B 90 -26.41 -4.31 10.93
CA GLY B 90 -26.59 -4.81 9.57
C GLY B 90 -27.18 -6.20 9.52
N ALA B 91 -28.03 -6.44 8.52
CA ALA B 91 -28.70 -7.74 8.38
C ALA B 91 -27.92 -8.65 7.42
N THR B 92 -26.88 -8.12 6.81
CA THR B 92 -26.04 -8.89 5.88
C THR B 92 -24.56 -8.66 6.18
N PRO B 93 -23.67 -9.51 5.63
CA PRO B 93 -22.23 -9.23 5.79
C PRO B 93 -21.84 -7.85 5.26
N PHE B 94 -22.43 -7.48 4.13
CA PHE B 94 -22.14 -6.20 3.49
C PHE B 94 -22.51 -5.02 4.38
N GLN B 95 -23.68 -5.07 5.01
CA GLN B 95 -24.17 -3.97 5.83
C GLN B 95 -23.35 -3.80 7.12
N ARG B 96 -22.96 -4.92 7.71
CA ARG B 96 -22.18 -4.91 8.94
C ARG B 96 -20.76 -4.42 8.68
N LEU B 97 -20.13 -4.94 7.61
CA LEU B 97 -18.80 -4.46 7.25
C LEU B 97 -18.83 -3.00 6.85
N ASN B 98 -19.84 -2.62 6.07
CA ASN B 98 -20.04 -1.25 5.63
C ASN B 98 -20.15 -0.31 6.83
N PHE B 99 -20.92 -0.74 7.83
CA PHE B 99 -21.08 0.00 9.07
C PHE B 99 -19.74 0.19 9.78
N MET B 100 -19.02 -0.91 9.99
CA MET B 100 -17.75 -0.87 10.71
C MET B 100 -16.72 0.01 10.01
N VAL B 101 -16.60 -0.14 8.70
CA VAL B 101 -15.67 0.65 7.90
C VAL B 101 -16.07 2.12 7.95
N GLY B 102 -17.38 2.37 7.99
CA GLY B 102 -17.87 3.73 8.15
C GLY B 102 -17.40 4.37 9.43
N LYS B 103 -17.63 3.67 10.54
CA LYS B 103 -17.23 4.15 11.86
C LYS B 103 -15.72 4.38 11.94
N LEU B 104 -14.95 3.42 11.44
CA LEU B 104 -13.49 3.54 11.44
C LEU B 104 -13.04 4.70 10.56
N ASN B 105 -13.79 4.98 9.50
CA ASN B 105 -13.46 6.07 8.60
C ASN B 105 -13.68 7.41 9.28
N ARG B 106 -14.81 7.55 9.96
CA ARG B 106 -15.11 8.78 10.66
C ARG B 106 -14.10 9.01 11.79
N ALA B 107 -13.77 7.94 12.51
CA ALA B 107 -12.74 8.02 13.55
C ALA B 107 -11.41 8.45 12.95
N MET B 108 -11.12 7.96 11.75
CA MET B 108 -9.90 8.32 11.04
C MET B 108 -9.87 9.81 10.71
N GLN B 109 -10.99 10.32 10.20
CA GLN B 109 -11.05 11.73 9.80
C GLN B 109 -11.08 12.66 11.02
N ARG B 110 -11.47 12.13 12.17
CA ARG B 110 -11.42 12.92 13.40
C ARG B 110 -10.01 12.95 13.99
N ASN B 111 -9.13 12.09 13.47
CA ASN B 111 -7.77 12.00 13.97
C ASN B 111 -6.75 11.87 12.85
N PRO B 112 -6.55 12.94 12.06
CA PRO B 112 -5.62 12.89 10.92
C PRO B 112 -4.16 12.71 11.32
N LEU B 113 -3.75 13.31 12.44
CA LEU B 113 -2.35 13.21 12.87
C LEU B 113 -2.03 11.78 13.34
N LEU B 114 -2.96 11.18 14.06
CA LEU B 114 -2.80 9.78 14.49
C LEU B 114 -2.73 8.86 13.28
N THR B 115 -3.60 9.10 12.32
CA THR B 115 -3.64 8.31 11.09
C THR B 115 -2.33 8.46 10.31
N GLU B 116 -1.80 9.68 10.31
CA GLU B 116 -0.49 9.96 9.71
C GLU B 116 0.59 9.12 10.38
N ALA B 117 0.58 9.14 11.71
CA ALA B 117 1.57 8.40 12.49
C ALA B 117 1.51 6.90 12.21
N MET B 118 0.30 6.35 12.17
CA MET B 118 0.11 4.92 11.94
C MET B 118 0.51 4.53 10.51
N THR B 119 0.15 5.36 9.55
CA THR B 119 0.49 5.13 8.16
C THR B 119 2.01 5.09 7.97
N ARG B 120 2.69 6.08 8.53
CA ARG B 120 4.15 6.12 8.47
C ARG B 120 4.74 4.90 9.16
N ALA B 121 4.14 4.53 10.30
CA ALA B 121 4.60 3.37 11.04
C ALA B 121 4.52 2.09 10.20
N TYR B 122 3.47 1.98 9.40
CA TYR B 122 3.28 0.77 8.60
C TYR B 122 4.08 0.75 7.30
N VAL B 123 4.38 1.92 6.75
CA VAL B 123 5.19 1.95 5.54
C VAL B 123 6.67 1.86 5.89
N PHE B 124 7.02 2.26 7.12
CA PHE B 124 8.41 2.25 7.55
C PHE B 124 8.78 0.97 8.31
N ALA B 125 7.78 0.18 8.68
CA ALA B 125 8.01 -1.03 9.46
C ALA B 125 8.89 -2.03 8.73
N ASP B 126 9.90 -2.57 9.43
CA ASP B 126 10.82 -3.53 8.84
C ASP B 126 10.61 -4.92 9.44
N ALA B 127 11.52 -5.83 9.14
CA ALA B 127 11.39 -7.22 9.61
C ALA B 127 11.51 -7.31 11.13
N SER B 128 12.20 -6.35 11.74
CA SER B 128 12.41 -6.34 13.18
C SER B 128 11.10 -6.13 13.94
N ALA B 129 10.07 -5.67 13.22
CA ALA B 129 8.74 -5.52 13.81
C ALA B 129 7.74 -6.42 13.10
N ALA B 130 8.25 -7.29 12.23
CA ALA B 130 7.42 -8.20 11.43
C ALA B 130 6.49 -9.01 12.32
N SER B 131 6.99 -9.40 13.48
CA SER B 131 6.18 -10.10 14.46
C SER B 131 4.99 -9.25 14.90
N GLU B 132 5.30 -8.05 15.41
CA GLU B 132 4.27 -7.14 15.91
C GLU B 132 3.24 -6.84 14.83
N VAL B 133 3.73 -6.43 13.66
CA VAL B 133 2.90 -6.11 12.51
C VAL B 133 1.98 -7.29 12.18
N ASP B 134 2.48 -8.50 12.39
CA ASP B 134 1.67 -9.68 12.17
C ASP B 134 0.47 -9.69 13.11
N GLN B 135 0.77 -9.59 14.41
CA GLN B 135 -0.25 -9.74 15.45
C GLN B 135 -1.44 -8.83 15.19
N VAL B 136 -1.17 -7.52 15.17
CA VAL B 136 -2.19 -6.52 14.94
C VAL B 136 -2.96 -6.84 13.66
N GLU B 137 -2.24 -7.26 12.63
CA GLU B 137 -2.86 -7.63 11.36
C GLU B 137 -3.96 -8.64 11.61
N LYS B 138 -3.60 -9.75 12.25
CA LYS B 138 -4.54 -10.82 12.54
C LYS B 138 -5.72 -10.27 13.32
N LEU B 139 -5.43 -9.33 14.21
CA LEU B 139 -6.47 -8.69 14.99
C LEU B 139 -7.43 -7.96 14.06
N ILE B 140 -6.88 -7.04 13.28
CA ILE B 140 -7.68 -6.16 12.43
C ILE B 140 -8.60 -6.98 11.55
N ASP B 141 -8.00 -7.88 10.78
CA ASP B 141 -8.76 -8.73 9.87
C ASP B 141 -9.86 -9.48 10.60
N SER B 142 -9.53 -10.01 11.78
CA SER B 142 -10.50 -10.77 12.57
C SER B 142 -11.73 -9.91 12.77
N MET B 143 -11.50 -8.67 13.19
CA MET B 143 -12.59 -7.77 13.51
C MET B 143 -13.42 -7.48 12.27
N PHE B 144 -12.76 -7.42 11.11
CA PHE B 144 -13.48 -7.26 9.87
C PHE B 144 -14.28 -8.54 9.61
N ALA B 145 -13.59 -9.68 9.68
CA ALA B 145 -14.15 -10.94 9.23
C ALA B 145 -15.35 -11.35 10.08
N ARG B 146 -15.19 -11.25 11.39
CA ARG B 146 -16.29 -11.56 12.30
C ARG B 146 -17.48 -10.64 12.01
N ALA B 147 -17.19 -9.38 11.64
CA ALA B 147 -18.24 -8.44 11.31
C ALA B 147 -19.02 -8.97 10.11
N MET B 148 -18.30 -9.50 9.13
CA MET B 148 -18.93 -10.11 7.98
C MET B 148 -19.73 -11.34 8.40
N ALA B 149 -19.20 -12.08 9.37
CA ALA B 149 -19.79 -13.36 9.71
C ALA B 149 -20.89 -13.25 10.76
N ASN B 150 -20.85 -12.15 11.52
CA ASN B 150 -21.64 -12.01 12.74
C ASN B 150 -21.40 -13.26 13.60
N GLY B 151 -20.14 -13.64 13.68
CA GLY B 151 -19.72 -14.86 14.36
C GLY B 151 -18.39 -15.36 13.83
N GLU B 152 -18.19 -16.67 13.85
CA GLU B 152 -16.96 -17.26 13.34
C GLU B 152 -16.91 -17.17 11.81
N PRO B 153 -15.86 -16.53 11.28
CA PRO B 153 -15.73 -16.29 9.84
C PRO B 153 -15.26 -17.49 9.03
N THR B 154 -15.48 -17.44 7.72
CA THR B 154 -14.91 -18.41 6.80
C THR B 154 -13.50 -17.96 6.42
N GLU B 155 -12.74 -18.83 5.76
CA GLU B 155 -11.41 -18.49 5.28
C GLU B 155 -11.48 -17.30 4.32
N ASP B 156 -12.45 -17.36 3.41
CA ASP B 156 -12.63 -16.31 2.41
C ASP B 156 -12.95 -14.97 3.03
N GLN B 157 -13.63 -14.96 4.16
CA GLN B 157 -13.95 -13.71 4.83
C GLN B 157 -12.68 -13.10 5.45
N TYR B 158 -11.80 -13.94 5.97
CA TYR B 158 -10.48 -13.49 6.41
C TYR B 158 -9.70 -12.89 5.24
N HIS B 159 -9.69 -13.62 4.12
CA HIS B 159 -9.02 -13.13 2.92
C HIS B 159 -9.55 -11.76 2.47
N ILE B 160 -10.88 -11.63 2.47
CA ILE B 160 -11.54 -10.38 2.11
C ILE B 160 -11.11 -9.26 3.05
N ALA B 161 -11.04 -9.58 4.34
CA ALA B 161 -10.55 -8.62 5.33
C ALA B 161 -9.16 -8.13 4.96
N ARG B 162 -8.29 -9.07 4.56
CA ARG B 162 -6.95 -8.73 4.09
C ARG B 162 -6.98 -7.77 2.90
N VAL B 163 -7.83 -8.07 1.91
CA VAL B 163 -7.95 -7.20 0.74
C VAL B 163 -8.35 -5.78 1.14
N ILE B 164 -9.39 -5.68 1.97
CA ILE B 164 -9.84 -4.39 2.48
C ILE B 164 -8.70 -3.64 3.17
N SER B 165 -7.95 -4.34 4.01
CA SER B 165 -6.81 -3.76 4.72
C SER B 165 -5.75 -3.21 3.75
N ASP B 166 -5.52 -3.93 2.67
CA ASP B 166 -4.55 -3.48 1.67
C ASP B 166 -5.03 -2.24 0.91
N VAL B 167 -6.31 -2.22 0.56
CA VAL B 167 -6.88 -1.04 -0.08
C VAL B 167 -6.70 0.17 0.84
N TRP B 168 -7.03 -0.03 2.11
CA TRP B 168 -6.88 0.98 3.15
C TRP B 168 -5.45 1.52 3.21
N LEU B 169 -4.48 0.62 3.25
CA LEU B 169 -3.08 1.05 3.38
C LEU B 169 -2.59 1.79 2.14
N SER B 170 -2.89 1.26 0.95
CA SER B 170 -2.45 1.89 -0.29
C SER B 170 -3.02 3.30 -0.42
N ASN B 171 -4.32 3.44 -0.16
CA ASN B 171 -4.95 4.74 -0.25
C ASN B 171 -4.47 5.69 0.85
N LEU B 172 -4.09 5.13 1.99
CA LEU B 172 -3.53 5.96 3.06
C LEU B 172 -2.15 6.45 2.68
N LEU B 173 -1.40 5.65 1.92
CA LEU B 173 -0.12 6.09 1.41
C LEU B 173 -0.34 7.25 0.44
N ALA B 174 -1.36 7.12 -0.41
CA ALA B 174 -1.70 8.20 -1.32
C ALA B 174 -2.08 9.47 -0.57
N TRP B 175 -2.84 9.32 0.51
CA TRP B 175 -3.26 10.45 1.34
C TRP B 175 -2.07 11.12 2.03
N LEU B 176 -1.21 10.31 2.61
CA LEU B 176 -0.02 10.78 3.30
C LEU B 176 0.83 11.69 2.41
N THR B 177 0.98 11.29 1.16
CA THR B 177 1.83 12.03 0.24
C THR B 177 1.02 13.04 -0.59
N ARG B 178 -0.19 13.33 -0.12
CA ARG B 178 -1.07 14.33 -0.72
C ARG B 178 -1.42 14.02 -2.17
N ARG B 179 -1.56 12.73 -2.48
CA ARG B 179 -2.00 12.31 -3.80
C ARG B 179 -3.49 11.95 -3.77
N ALA B 180 -4.08 12.06 -2.58
CA ALA B 180 -5.48 11.73 -2.38
C ALA B 180 -6.03 12.42 -1.13
N SER B 181 -7.35 12.64 -1.11
CA SER B 181 -8.01 13.25 0.03
C SER B 181 -8.60 12.16 0.92
N ALA B 182 -9.12 12.56 2.08
CA ALA B 182 -9.78 11.63 2.98
C ALA B 182 -11.02 11.04 2.32
N THR B 183 -11.73 11.90 1.60
CA THR B 183 -12.93 11.50 0.87
C THR B 183 -12.61 10.43 -0.16
N ASP B 184 -11.50 10.61 -0.88
CA ASP B 184 -11.01 9.62 -1.82
C ASP B 184 -10.84 8.26 -1.14
N VAL B 185 -10.19 8.27 0.02
CA VAL B 185 -9.93 7.06 0.78
C VAL B 185 -11.24 6.36 1.15
N SER B 186 -12.17 7.15 1.69
CA SER B 186 -13.48 6.64 2.07
C SER B 186 -14.20 5.99 0.89
N LYS B 187 -14.19 6.67 -0.26
CA LYS B 187 -14.88 6.18 -1.45
C LYS B 187 -14.25 4.88 -1.96
N ARG B 188 -12.92 4.83 -1.96
CA ARG B 188 -12.19 3.65 -2.37
C ARG B 188 -12.53 2.46 -1.48
N LEU B 189 -12.57 2.68 -0.17
CA LEU B 189 -12.90 1.63 0.77
C LEU B 189 -14.34 1.14 0.57
N ASP B 190 -15.26 2.07 0.34
CA ASP B 190 -16.65 1.70 0.07
C ASP B 190 -16.75 0.83 -1.17
N LEU B 191 -16.09 1.27 -2.24
CA LEU B 191 -16.03 0.52 -3.50
C LEU B 191 -15.50 -0.89 -3.30
N ALA B 192 -14.41 -0.99 -2.54
CA ALA B 192 -13.81 -2.29 -2.24
C ALA B 192 -14.82 -3.19 -1.53
N VAL B 193 -15.50 -2.63 -0.53
CA VAL B 193 -16.49 -3.38 0.25
C VAL B 193 -17.60 -3.92 -0.66
N ARG B 194 -18.17 -3.05 -1.49
CA ARG B 194 -19.25 -3.47 -2.39
C ARG B 194 -18.78 -4.51 -3.40
N LEU B 195 -17.59 -4.30 -3.98
CA LEU B 195 -17.07 -5.20 -4.98
C LEU B 195 -16.72 -6.57 -4.40
N LEU B 196 -16.40 -6.60 -3.11
CA LEU B 196 -16.01 -7.85 -2.46
C LEU B 196 -17.20 -8.63 -1.90
N ILE B 197 -18.10 -7.98 -1.17
CA ILE B 197 -19.24 -8.68 -0.57
C ILE B 197 -20.58 -7.96 -0.76
N GLY B 198 -20.72 -7.19 -1.83
CA GLY B 198 -21.92 -6.42 -2.05
C GLY B 198 -23.18 -7.24 -2.28
N ASP B 199 -24.28 -6.82 -1.67
CA ASP B 199 -25.56 -7.50 -1.81
C ASP B 199 -26.10 -7.37 -3.24
C10 5TW C . -0.19 -0.82 -9.79
C19 5TW C . 5.51 -4.90 -13.10
C11 5TW C . 0.86 -1.75 -9.72
C12 5TW C . 0.62 -3.02 -10.29
C13 5TW C . 2.16 -1.41 -9.25
C18 5TW C . 4.16 -4.95 -12.32
C17 5TW C . 4.13 -3.54 -11.77
C20 5TW C . 5.79 -4.43 -10.11
C21 5TW C . 2.36 -2.09 -7.90
C16 5TW C . 5.52 -3.41 -11.23
C15 5TW C . 5.69 -1.98 -10.72
C14 5TW C . 4.64 -1.68 -9.65
S01 5TW C . 8.75 -6.00 -14.17
C02 5TW C . 8.34 -4.36 -13.74
C03 5TW C . 8.62 -3.09 -11.65
C04 5TW C . 7.77 -4.14 -12.34
C05 5TW C . 6.29 -3.72 -12.50
O06 5TW C . 8.48 -3.40 -14.51
C07 5TW C . 2.38 0.11 -9.08
C08 5TW C . 1.13 0.80 -8.51
C09 5TW C . -0.04 0.43 -9.20
O22 5TW C . -0.97 1.23 -9.27
C23 5TW C . 3.24 -1.86 -10.25
C24 5TW C . 3.08 -3.29 -10.70
C25 5TW C . 1.70 -3.42 -11.29
C32 5TW C . 8.23 -5.62 -16.89
C33 5TW C . 9.36 -5.74 -15.87
N34 5TW C . 8.80 -5.46 -18.25
C35 5TW C . 9.04 -6.49 -19.07
O36 5TW C . 8.80 -7.66 -18.78
C10 5TW D . -5.05 -2.56 8.09
C19 5TW D . -8.33 3.07 12.25
C11 5TW D . -5.50 -1.24 8.18
C12 5TW D . -6.90 -1.04 8.21
C13 5TW D . -4.62 -0.15 8.47
C18 5TW D . -8.41 2.11 11.04
C17 5TW D . -6.96 1.66 10.92
C20 5TW D . -6.58 3.96 9.96
C21 5TW D . -4.57 0.75 7.23
C16 5TW D . -6.23 2.98 11.09
C15 5TW D . -4.75 2.69 11.11
C14 5TW D . -4.34 1.97 9.82
S01 5TW D . -8.70 6.31 14.12
C02 5TW D . -7.42 5.11 14.11
C03 5TW D . -5.26 5.33 12.96
C04 5TW D . -6.71 4.90 12.78
C05 5TW D . -6.83 3.41 12.42
O06 5TW D . -7.08 4.48 15.11
C07 5TW D . -3.20 -0.57 8.86
C08 5TW D . -2.73 -1.79 8.05
C09 5TW D . -3.69 -2.82 8.02
O22 5TW D . -3.32 -3.99 7.93
C23 5TW D . -5.14 0.67 9.68
C24 5TW D . -6.62 1.01 9.61
C25 5TW D . -7.37 -0.29 9.46
C32 5TW D . -9.82 5.10 16.38
C33 5TW D . -9.08 6.35 15.91
N34 5TW D . -10.47 5.35 17.68
C35 5TW D . -11.69 4.89 18.00
O36 5TW D . -12.38 4.20 17.24
C1 5TW D . -12.22 5.26 19.39
#